data_5D8F
#
_entry.id   5D8F
#
_cell.length_a   83.821
_cell.length_b   83.821
_cell.length_c   159.315
_cell.angle_alpha   90.00
_cell.angle_beta   90.00
_cell.angle_gamma   120.00
#
_symmetry.space_group_name_H-M   'P 64 2 2'
#
loop_
_entity.id
_entity.type
_entity.pdbx_description
1 polymer 'SOSS complex subunit B1'
2 polymer "DNA (5'-D(P*TP*TP*TP*TP*TP*TP*TP*TP*TP*T)-3')"
3 non-polymer DI(HYDROXYETHYL)ETHER
4 water water
#
loop_
_entity_poly.entity_id
_entity_poly.type
_entity_poly.pdbx_seq_one_letter_code
_entity_poly.pdbx_strand_id
1 'polypeptide(L)'
;MTTETFVKDIKPGLKNLNLIFIVLETGRVTKTKDGHEVRTCKVADKTGSINISVWDDVGNLIQPGDIIRLTKGYASVFKG
CLTLYTGRGGDLQKIGEFCMVYSEVPNFSHHHHHH
;
A,B
2 'polydeoxyribonucleotide' (DT)(DT)(DT)(DT)(DT)(DT)(DT)(DT)(DT)(DT) C
#
# COMPACT_ATOMS: atom_id res chain seq x y z
N GLU A 4 -12.85 -26.84 10.19
CA GLU A 4 -13.13 -25.76 9.25
C GLU A 4 -12.56 -26.08 7.86
N THR A 5 -13.03 -25.36 6.85
CA THR A 5 -12.62 -25.61 5.48
C THR A 5 -11.39 -24.78 5.12
N PHE A 6 -10.51 -25.35 4.29
CA PHE A 6 -9.29 -24.66 3.92
C PHE A 6 -9.12 -24.60 2.40
N VAL A 7 -8.64 -23.45 1.92
CA VAL A 7 -8.55 -23.12 0.49
C VAL A 7 -8.01 -24.25 -0.38
N LYS A 8 -6.98 -24.94 0.10
CA LYS A 8 -6.35 -26.00 -0.68
C LYS A 8 -7.31 -27.16 -0.95
N ASP A 9 -8.34 -27.29 -0.12
CA ASP A 9 -9.30 -28.39 -0.26
C ASP A 9 -10.53 -27.97 -1.05
N ILE A 10 -10.41 -26.91 -1.83
CA ILE A 10 -11.54 -26.41 -2.60
C ILE A 10 -11.41 -26.77 -4.08
N LYS A 11 -12.41 -27.48 -4.60
CA LYS A 11 -12.44 -27.90 -5.99
C LYS A 11 -13.63 -27.29 -6.69
N PRO A 12 -13.58 -27.19 -8.03
CA PRO A 12 -14.74 -26.71 -8.79
C PRO A 12 -15.98 -27.57 -8.54
N GLY A 13 -17.13 -26.93 -8.36
CA GLY A 13 -18.38 -27.66 -8.15
C GLY A 13 -18.70 -27.86 -6.69
N LEU A 14 -17.76 -27.54 -5.82
CA LEU A 14 -17.98 -27.64 -4.37
C LEU A 14 -18.90 -26.53 -3.88
N LYS A 15 -20.04 -26.91 -3.32
CA LYS A 15 -21.05 -25.94 -2.88
C LYS A 15 -21.14 -25.91 -1.35
N ASN A 16 -21.97 -25.00 -0.84
CA ASN A 16 -22.12 -24.80 0.61
C ASN A 16 -20.77 -24.59 1.31
N LEU A 17 -19.92 -23.77 0.70
CA LEU A 17 -18.59 -23.51 1.23
C LEU A 17 -18.60 -22.45 2.33
N ASN A 18 -18.21 -22.85 3.54
CA ASN A 18 -17.96 -21.90 4.62
C ASN A 18 -16.45 -21.73 4.76
N LEU A 19 -15.99 -20.48 4.68
CA LEU A 19 -14.55 -20.22 4.60
C LEU A 19 -14.12 -18.90 5.22
N ILE A 20 -13.19 -18.95 6.15
CA ILE A 20 -12.57 -17.73 6.67
C ILE A 20 -11.30 -17.45 5.87
N PHE A 21 -11.16 -16.23 5.37
CA PHE A 21 -9.97 -15.88 4.60
C PHE A 21 -9.57 -14.42 4.81
N ILE A 22 -8.35 -14.10 4.38
CA ILE A 22 -7.87 -12.72 4.39
C ILE A 22 -7.70 -12.21 2.96
N VAL A 23 -8.04 -10.94 2.75
CA VAL A 23 -7.94 -10.34 1.43
C VAL A 23 -6.51 -9.86 1.14
N LEU A 24 -5.91 -10.41 0.08
CA LEU A 24 -4.56 -10.00 -0.31
C LEU A 24 -4.61 -8.90 -1.36
N GLU A 25 -5.43 -9.10 -2.39
CA GLU A 25 -5.59 -8.09 -3.43
C GLU A 25 -7.05 -7.75 -3.63
N THR A 26 -7.37 -6.46 -3.67
CA THR A 26 -8.72 -6.02 -4.00
C THR A 26 -8.97 -6.23 -5.49
N GLY A 27 -7.91 -6.60 -6.19
CA GLY A 27 -8.00 -6.97 -7.59
C GLY A 27 -8.67 -5.93 -8.45
N ARG A 28 -9.47 -6.38 -9.43
CA ARG A 28 -9.94 -5.42 -10.43
C ARG A 28 -11.37 -5.59 -10.93
N VAL A 29 -11.83 -4.58 -11.66
CA VAL A 29 -13.26 -4.44 -11.99
C VAL A 29 -13.61 -4.70 -13.45
N THR A 30 -14.51 -5.67 -13.66
CA THR A 30 -15.14 -5.88 -14.94
C THR A 30 -16.53 -5.24 -14.91
N LYS A 31 -16.83 -4.42 -15.91
CA LYS A 31 -18.13 -3.76 -15.99
C LYS A 31 -18.92 -4.26 -17.19
N THR A 32 -20.14 -4.73 -16.94
CA THR A 32 -21.00 -5.24 -17.98
C THR A 32 -21.73 -4.11 -18.69
N LYS A 33 -22.35 -4.43 -19.83
CA LYS A 33 -23.06 -3.43 -20.62
C LYS A 33 -24.36 -3.00 -19.96
N ASP A 34 -24.90 -3.86 -19.10
CA ASP A 34 -26.12 -3.53 -18.36
C ASP A 34 -25.80 -2.71 -17.12
N GLY A 35 -24.52 -2.36 -16.95
CA GLY A 35 -24.14 -1.39 -15.95
C GLY A 35 -23.75 -1.95 -14.59
N HIS A 36 -23.64 -3.27 -14.49
CA HIS A 36 -23.27 -3.88 -13.22
C HIS A 36 -21.80 -4.22 -13.18
N GLU A 37 -21.17 -3.99 -12.04
CA GLU A 37 -19.75 -4.24 -11.88
C GLU A 37 -19.46 -5.45 -11.01
N VAL A 38 -18.44 -6.20 -11.40
CA VAL A 38 -17.93 -7.28 -10.56
C VAL A 38 -16.44 -7.07 -10.39
N ARG A 39 -15.96 -7.04 -9.15
CA ARG A 39 -14.53 -6.98 -8.96
C ARG A 39 -14.02 -8.32 -8.43
N THR A 40 -12.89 -8.75 -8.98
CA THR A 40 -12.29 -10.00 -8.58
C THR A 40 -11.09 -9.72 -7.69
N CYS A 41 -11.09 -10.38 -6.54
CA CYS A 41 -10.07 -10.22 -5.51
C CYS A 41 -9.26 -11.48 -5.34
N LYS A 42 -8.06 -11.34 -4.80
CA LYS A 42 -7.24 -12.48 -4.42
C LYS A 42 -7.21 -12.61 -2.90
N VAL A 43 -7.76 -13.70 -2.39
CA VAL A 43 -7.85 -13.93 -0.95
C VAL A 43 -7.11 -15.20 -0.58
N ALA A 44 -6.87 -15.44 0.70
CA ALA A 44 -6.07 -16.59 1.10
C ALA A 44 -6.21 -17.02 2.56
N ASP A 45 -5.78 -18.25 2.83
CA ASP A 45 -5.48 -18.71 4.18
C ASP A 45 -4.11 -19.36 4.18
N LYS A 46 -3.72 -19.92 5.33
CA LYS A 46 -2.41 -20.55 5.51
C LYS A 46 -2.12 -21.63 4.46
N THR A 47 -3.15 -22.27 3.95
CA THR A 47 -2.99 -23.36 3.00
C THR A 47 -2.92 -22.89 1.54
N GLY A 48 -3.21 -21.63 1.29
CA GLY A 48 -3.09 -21.09 -0.06
C GLY A 48 -4.05 -19.98 -0.43
N SER A 49 -3.97 -19.54 -1.69
CA SER A 49 -4.79 -18.43 -2.18
C SER A 49 -5.81 -18.89 -3.21
N ILE A 50 -6.76 -18.00 -3.50
CA ILE A 50 -7.86 -18.28 -4.42
C ILE A 50 -8.52 -16.96 -4.82
N ASN A 51 -9.14 -16.95 -5.99
CA ASN A 51 -9.86 -15.78 -6.45
C ASN A 51 -11.30 -15.78 -5.95
N ILE A 52 -11.85 -14.60 -5.74
CA ILE A 52 -13.28 -14.48 -5.44
C ILE A 52 -13.86 -13.29 -6.18
N SER A 53 -15.02 -13.49 -6.80
CA SER A 53 -15.68 -12.42 -7.53
C SER A 53 -16.85 -11.87 -6.73
N VAL A 54 -16.92 -10.55 -6.61
CA VAL A 54 -18.01 -9.93 -5.87
C VAL A 54 -18.69 -8.84 -6.69
N TRP A 55 -20.01 -8.78 -6.62
CA TRP A 55 -20.79 -7.91 -7.48
C TRP A 55 -21.20 -6.60 -6.81
N ASP A 56 -21.02 -5.51 -7.54
CA ASP A 56 -21.56 -4.19 -7.19
C ASP A 56 -21.04 -3.65 -5.86
N ASP A 57 -21.93 -3.44 -4.90
CA ASP A 57 -21.58 -2.77 -3.65
C ASP A 57 -20.91 -3.70 -2.65
N VAL A 58 -21.17 -5.00 -2.78
CA VAL A 58 -20.66 -6.00 -1.84
C VAL A 58 -19.15 -5.94 -1.63
N GLY A 59 -18.40 -5.78 -2.70
CA GLY A 59 -16.95 -5.91 -2.63
C GLY A 59 -16.17 -4.61 -2.59
N ASN A 60 -16.86 -3.50 -2.33
CA ASN A 60 -16.26 -2.19 -2.47
C ASN A 60 -15.94 -1.44 -1.18
N LEU A 61 -16.12 -2.09 -0.04
CA LEU A 61 -15.39 -1.65 1.14
C LEU A 61 -14.65 -2.87 1.65
N ILE A 62 -14.43 -3.80 0.73
CA ILE A 62 -13.41 -4.84 0.88
C ILE A 62 -12.05 -4.21 0.67
N GLN A 63 -11.17 -4.30 1.67
CA GLN A 63 -9.85 -3.71 1.59
C GLN A 63 -8.80 -4.79 1.83
N PRO A 64 -7.56 -4.55 1.34
CA PRO A 64 -6.51 -5.53 1.64
C PRO A 64 -6.28 -5.64 3.14
N GLY A 65 -6.14 -6.86 3.64
CA GLY A 65 -5.94 -7.08 5.06
C GLY A 65 -7.21 -7.48 5.78
N ASP A 66 -8.36 -7.28 5.13
CA ASP A 66 -9.64 -7.64 5.72
C ASP A 66 -9.74 -9.13 6.00
N ILE A 67 -10.22 -9.46 7.20
CA ILE A 67 -10.54 -10.85 7.55
C ILE A 67 -12.04 -11.06 7.40
N ILE A 68 -12.41 -11.94 6.47
CA ILE A 68 -13.80 -12.12 6.06
C ILE A 68 -14.24 -13.58 6.13
N ARG A 69 -15.49 -13.80 6.54
CA ARG A 69 -16.09 -15.13 6.50
C ARG A 69 -17.16 -15.25 5.43
N LEU A 70 -16.94 -16.17 4.50
CA LEU A 70 -17.92 -16.49 3.47
C LEU A 70 -18.77 -17.67 3.91
N THR A 71 -20.08 -17.53 3.79
CA THR A 71 -21.00 -18.64 4.05
C THR A 71 -21.79 -18.98 2.80
N LYS A 72 -22.02 -20.27 2.59
CA LYS A 72 -22.74 -20.77 1.42
C LYS A 72 -22.16 -20.26 0.10
N GLY A 73 -20.84 -20.25 0.00
CA GLY A 73 -20.19 -19.89 -1.24
C GLY A 73 -20.05 -21.09 -2.14
N TYR A 74 -19.68 -20.88 -3.41
CA TYR A 74 -19.46 -21.99 -4.31
C TYR A 74 -18.28 -21.75 -5.24
N ALA A 75 -17.66 -22.84 -5.70
CA ALA A 75 -16.44 -22.74 -6.48
C ALA A 75 -16.65 -23.11 -7.94
N SER A 76 -16.21 -22.24 -8.83
CA SER A 76 -16.27 -22.53 -10.27
C SER A 76 -14.98 -22.07 -10.95
N VAL A 77 -14.96 -22.12 -12.27
CA VAL A 77 -13.79 -21.65 -13.01
C VAL A 77 -14.14 -20.39 -13.81
N PHE A 78 -13.33 -19.35 -13.64
CA PHE A 78 -13.53 -18.10 -14.36
C PHE A 78 -12.19 -17.60 -14.89
N LYS A 79 -12.16 -17.30 -16.19
CA LYS A 79 -10.93 -16.93 -16.89
C LYS A 79 -9.80 -17.93 -16.60
N GLY A 80 -10.15 -19.20 -16.50
CA GLY A 80 -9.18 -20.25 -16.27
C GLY A 80 -8.79 -20.47 -14.82
N CYS A 81 -9.13 -19.52 -13.96
CA CYS A 81 -8.74 -19.61 -12.55
C CYS A 81 -9.85 -20.17 -11.68
N LEU A 82 -9.48 -20.82 -10.58
CA LEU A 82 -10.46 -21.26 -9.60
C LEU A 82 -10.99 -20.04 -8.86
N THR A 83 -12.31 -19.92 -8.83
CA THR A 83 -12.95 -18.71 -8.32
C THR A 83 -14.08 -19.02 -7.35
N LEU A 84 -14.11 -18.27 -6.26
CA LEU A 84 -15.20 -18.33 -5.29
C LEU A 84 -16.30 -17.35 -5.66
N TYR A 85 -17.54 -17.78 -5.47
CA TYR A 85 -18.70 -16.92 -5.64
C TYR A 85 -19.56 -16.99 -4.40
N THR A 86 -20.33 -15.93 -4.15
CA THR A 86 -21.32 -15.96 -3.09
C THR A 86 -22.62 -16.54 -3.62
N GLY A 87 -23.04 -17.68 -3.06
CA GLY A 87 -24.29 -18.29 -3.46
C GLY A 87 -25.47 -17.56 -2.86
N ARG A 88 -26.62 -17.63 -3.52
CA ARG A 88 -27.84 -17.05 -2.97
C ARG A 88 -28.16 -17.73 -1.64
N GLY A 89 -28.46 -16.94 -0.62
CA GLY A 89 -28.63 -17.46 0.71
C GLY A 89 -27.30 -17.46 1.45
N GLY A 90 -26.28 -16.95 0.76
CA GLY A 90 -24.94 -16.86 1.34
C GLY A 90 -24.62 -15.45 1.81
N ASP A 91 -23.47 -15.30 2.45
CA ASP A 91 -23.11 -14.01 3.03
C ASP A 91 -21.60 -13.83 3.17
N LEU A 92 -21.17 -12.57 3.14
CA LEU A 92 -19.78 -12.21 3.44
C LEU A 92 -19.74 -11.32 4.69
N GLN A 93 -18.98 -11.74 5.69
CA GLN A 93 -18.91 -10.98 6.93
C GLN A 93 -17.49 -10.57 7.29
N LYS A 94 -17.28 -9.26 7.38
CA LYS A 94 -16.01 -8.70 7.82
C LYS A 94 -15.85 -8.91 9.31
N ILE A 95 -14.88 -9.74 9.70
CA ILE A 95 -14.67 -10.02 11.12
C ILE A 95 -13.35 -9.44 11.61
N GLY A 96 -12.51 -9.03 10.67
CA GLY A 96 -11.25 -8.40 11.04
C GLY A 96 -10.82 -7.35 10.04
N GLU A 97 -9.97 -6.43 10.48
CA GLU A 97 -9.40 -5.43 9.58
C GLU A 97 -8.16 -4.77 10.17
N PHE A 98 -7.34 -4.20 9.28
CA PHE A 98 -6.19 -3.41 9.70
C PHE A 98 -6.47 -1.95 9.36
N CYS A 99 -6.32 -1.08 10.36
CA CYS A 99 -6.57 0.34 10.16
C CYS A 99 -5.29 1.16 10.30
N MET A 100 -5.29 2.34 9.71
CA MET A 100 -4.12 3.22 9.72
C MET A 100 -4.15 4.16 10.92
N VAL A 101 -3.02 4.30 11.59
CA VAL A 101 -2.88 5.30 12.65
C VAL A 101 -1.58 6.06 12.47
N TYR A 102 -1.55 7.30 12.95
CA TYR A 102 -0.35 8.11 12.89
C TYR A 102 0.52 7.81 14.11
N SER A 103 1.83 7.92 13.94
CA SER A 103 2.76 7.70 15.04
C SER A 103 3.90 8.71 14.99
N GLU A 104 3.93 9.62 15.96
CA GLU A 104 5.03 10.56 16.09
C GLU A 104 6.33 9.81 16.32
N VAL A 105 7.40 10.27 15.68
CA VAL A 105 8.71 9.66 15.85
C VAL A 105 9.67 10.68 16.44
N PRO A 106 10.26 10.36 17.61
CA PRO A 106 11.13 11.31 18.32
C PRO A 106 12.49 11.51 17.66
N ASN A 107 12.50 12.16 16.50
CA ASN A 107 13.73 12.57 15.82
C ASN A 107 14.71 11.44 15.57
N PHE A 108 14.37 10.58 14.62
CA PHE A 108 15.23 9.47 14.24
C PHE A 108 16.11 9.89 13.05
N SER A 109 17.36 10.22 13.33
CA SER A 109 18.32 10.57 12.28
C SER A 109 18.54 9.38 11.33
N HIS A 110 18.65 9.66 10.05
CA HIS A 110 18.87 8.60 9.07
C HIS A 110 20.36 8.33 8.89
N HIS A 111 21.18 9.26 9.38
CA HIS A 111 22.61 9.00 9.60
C HIS A 111 22.85 8.99 11.10
N HIS A 112 22.35 7.96 11.77
CA HIS A 112 22.35 7.91 13.23
C HIS A 112 23.77 8.04 13.81
N GLU B 4 8.84 28.87 7.35
CA GLU B 4 9.36 27.61 6.82
C GLU B 4 9.61 27.70 5.33
N THR B 5 10.43 26.77 4.82
CA THR B 5 10.68 26.68 3.38
C THR B 5 9.67 25.73 2.74
N PHE B 6 9.31 26.00 1.49
CA PHE B 6 8.30 25.18 0.83
C PHE B 6 8.79 24.66 -0.52
N VAL B 7 8.26 23.50 -0.91
CA VAL B 7 8.68 22.80 -2.12
C VAL B 7 8.55 23.65 -3.38
N LYS B 8 7.52 24.51 -3.41
CA LYS B 8 7.31 25.40 -4.54
C LYS B 8 8.46 26.42 -4.66
N ASP B 9 9.11 26.72 -3.54
CA ASP B 9 10.16 27.72 -3.53
C ASP B 9 11.54 27.13 -3.84
N ILE B 10 11.57 25.83 -4.11
CA ILE B 10 12.85 25.16 -4.38
C ILE B 10 13.20 25.21 -5.86
N LYS B 11 14.40 25.70 -6.15
CA LYS B 11 14.89 25.85 -7.51
C LYS B 11 16.33 25.33 -7.62
N PRO B 12 16.80 25.05 -8.85
CA PRO B 12 18.16 24.53 -9.01
C PRO B 12 19.24 25.46 -8.44
N GLY B 13 20.09 24.93 -7.58
CA GLY B 13 21.19 25.69 -7.03
C GLY B 13 21.00 26.08 -5.58
N LEU B 14 19.81 25.83 -5.04
CA LEU B 14 19.51 26.22 -3.67
C LEU B 14 20.33 25.43 -2.66
N LYS B 15 20.63 26.06 -1.53
CA LYS B 15 21.65 25.56 -0.62
C LYS B 15 21.16 25.75 0.82
N ASN B 16 21.64 24.91 1.74
CA ASN B 16 21.21 24.96 3.14
C ASN B 16 19.70 24.87 3.29
N LEU B 17 19.11 23.90 2.60
CA LEU B 17 17.66 23.72 2.61
C LEU B 17 17.20 23.03 3.88
N ASN B 18 16.37 23.71 4.66
CA ASN B 18 15.74 23.12 5.83
C ASN B 18 14.26 22.95 5.57
N LEU B 19 13.81 21.69 5.44
CA LEU B 19 12.50 21.43 4.88
C LEU B 19 11.80 20.21 5.46
N ILE B 20 10.56 20.38 5.91
CA ILE B 20 9.76 19.25 6.36
C ILE B 20 8.89 18.75 5.22
N PHE B 21 8.89 17.44 4.99
CA PHE B 21 8.03 16.89 3.95
C PHE B 21 7.47 15.52 4.31
N ILE B 22 6.59 15.02 3.46
CA ILE B 22 6.05 13.68 3.63
C ILE B 22 6.36 12.85 2.38
N VAL B 23 6.72 11.59 2.59
CA VAL B 23 7.03 10.70 1.48
C VAL B 23 5.76 10.22 0.77
N LEU B 24 5.68 10.51 -0.52
CA LEU B 24 4.57 10.01 -1.34
C LEU B 24 4.96 8.68 -1.96
N GLU B 25 6.12 8.65 -2.61
CA GLU B 25 6.56 7.46 -3.30
C GLU B 25 8.00 7.11 -2.95
N THR B 26 8.29 5.81 -2.92
CA THR B 26 9.66 5.34 -2.86
C THR B 26 9.94 4.55 -4.14
N GLY B 27 10.75 5.12 -5.01
CA GLY B 27 11.06 4.48 -6.28
C GLY B 27 11.90 3.24 -6.09
N ARG B 28 12.14 2.52 -7.18
CA ARG B 28 12.98 1.33 -7.12
C ARG B 28 14.45 1.72 -7.24
N VAL B 29 15.30 0.91 -6.63
CA VAL B 29 16.71 1.25 -6.48
C VAL B 29 17.56 0.81 -7.68
N THR B 30 18.41 1.72 -8.15
CA THR B 30 19.38 1.38 -9.17
C THR B 30 20.79 1.36 -8.57
N LYS B 31 21.75 0.87 -9.34
CA LYS B 31 23.12 0.76 -8.86
C LYS B 31 24.06 1.56 -9.75
N THR B 32 24.96 2.31 -9.10
CA THR B 32 25.95 3.10 -9.81
C THR B 32 27.13 2.22 -10.22
N LYS B 33 28.12 2.83 -10.85
CA LYS B 33 29.29 2.12 -11.35
C LYS B 33 30.12 1.55 -10.21
N ASP B 34 30.00 2.17 -9.03
CA ASP B 34 30.79 1.82 -7.86
C ASP B 34 30.00 1.08 -6.77
N GLY B 35 28.93 0.39 -7.16
CA GLY B 35 28.20 -0.47 -6.24
C GLY B 35 27.27 0.24 -5.26
N HIS B 36 27.16 1.55 -5.37
CA HIS B 36 26.24 2.30 -4.53
C HIS B 36 24.79 2.01 -4.92
N GLU B 37 23.92 1.95 -3.92
CA GLU B 37 22.49 1.87 -4.16
C GLU B 37 21.88 3.26 -4.13
N VAL B 38 21.25 3.67 -5.22
CA VAL B 38 20.57 4.97 -5.27
C VAL B 38 19.09 4.79 -5.54
N ARG B 39 18.26 5.53 -4.81
CA ARG B 39 16.82 5.42 -4.93
C ARG B 39 16.17 6.80 -4.96
N THR B 40 15.25 7.00 -5.90
CA THR B 40 14.54 8.26 -5.99
C THR B 40 13.19 8.18 -5.28
N CYS B 41 12.95 9.11 -4.36
CA CYS B 41 11.67 9.20 -3.68
C CYS B 41 10.91 10.44 -4.12
N LYS B 42 9.60 10.31 -4.24
CA LYS B 42 8.74 11.47 -4.46
C LYS B 42 8.20 11.96 -3.11
N VAL B 43 8.64 13.14 -2.70
CA VAL B 43 8.20 13.72 -1.44
C VAL B 43 7.43 15.02 -1.71
N ALA B 44 6.73 15.54 -0.71
CA ALA B 44 5.90 16.71 -0.94
C ALA B 44 5.48 17.44 0.32
N ASP B 45 5.02 18.68 0.12
CA ASP B 45 4.19 19.37 1.11
C ASP B 45 2.96 19.89 0.37
N LYS B 46 2.13 20.67 1.05
CA LYS B 46 0.88 21.13 0.46
C LYS B 46 1.09 22.00 -0.78
N THR B 47 2.28 22.56 -0.91
CA THR B 47 2.58 23.44 -2.04
C THR B 47 3.14 22.67 -3.24
N GLY B 48 3.31 21.36 -3.09
CA GLY B 48 3.75 20.54 -4.20
C GLY B 48 4.76 19.46 -3.89
N SER B 49 5.19 18.76 -4.94
CA SER B 49 6.08 17.61 -4.80
C SER B 49 7.43 17.82 -5.48
N ILE B 50 8.38 16.97 -5.12
CA ILE B 50 9.75 17.06 -5.62
C ILE B 50 10.47 15.73 -5.36
N ASN B 51 11.45 15.42 -6.21
CA ASN B 51 12.28 14.24 -6.04
C ASN B 51 13.40 14.44 -5.03
N ILE B 52 13.69 13.40 -4.25
CA ILE B 52 14.89 13.38 -3.44
C ILE B 52 15.67 12.11 -3.76
N SER B 53 16.98 12.25 -3.96
CA SER B 53 17.82 11.09 -4.22
C SER B 53 18.44 10.63 -2.91
N VAL B 54 18.31 9.33 -2.64
CA VAL B 54 18.70 8.77 -1.37
C VAL B 54 19.65 7.58 -1.59
N TRP B 55 20.73 7.54 -0.82
CA TRP B 55 21.84 6.64 -1.12
C TRP B 55 22.02 5.51 -0.10
N ASP B 56 22.19 4.30 -0.63
CA ASP B 56 22.49 3.12 0.15
C ASP B 56 21.42 2.80 1.20
N ASP B 57 21.85 2.54 2.42
CA ASP B 57 20.96 2.01 3.45
C ASP B 57 19.88 2.99 3.89
N VAL B 58 20.14 4.29 3.72
CA VAL B 58 19.13 5.31 3.99
C VAL B 58 17.88 4.98 3.17
N GLY B 59 18.10 4.49 1.96
CA GLY B 59 17.03 4.08 1.07
C GLY B 59 16.08 3.06 1.68
N ASN B 60 16.60 2.21 2.55
CA ASN B 60 15.80 1.16 3.18
C ASN B 60 15.07 1.65 4.43
N LEU B 61 15.31 2.89 4.83
CA LEU B 61 14.71 3.43 6.04
C LEU B 61 13.52 4.33 5.73
N ILE B 62 13.07 4.32 4.48
CA ILE B 62 12.04 5.24 4.04
C ILE B 62 10.82 4.52 3.46
N GLN B 63 9.64 4.89 3.94
CA GLN B 63 8.37 4.34 3.47
C GLN B 63 7.40 5.47 3.14
N PRO B 64 6.43 5.21 2.24
CA PRO B 64 5.38 6.21 2.01
C PRO B 64 4.60 6.50 3.30
N GLY B 65 4.36 7.78 3.56
CA GLY B 65 3.68 8.18 4.78
C GLY B 65 4.62 8.77 5.80
N ASP B 66 5.92 8.50 5.63
CA ASP B 66 6.94 9.01 6.55
C ASP B 66 7.01 10.54 6.53
N ILE B 67 6.95 11.15 7.71
CA ILE B 67 7.18 12.58 7.86
C ILE B 67 8.64 12.81 8.22
N ILE B 68 9.36 13.52 7.35
CA ILE B 68 10.81 13.67 7.46
C ILE B 68 11.26 15.14 7.46
N ARG B 69 12.22 15.45 8.33
CA ARG B 69 12.86 16.75 8.35
C ARG B 69 14.25 16.71 7.70
N LEU B 70 14.42 17.47 6.63
CA LEU B 70 15.70 17.62 5.96
C LEU B 70 16.44 18.84 6.49
N THR B 71 17.70 18.64 6.86
CA THR B 71 18.54 19.70 7.40
C THR B 71 19.76 19.93 6.50
N LYS B 72 20.02 21.19 6.18
CA LYS B 72 21.16 21.57 5.34
C LYS B 72 21.19 20.79 4.03
N GLY B 73 20.04 20.67 3.38
CA GLY B 73 19.96 19.99 2.11
C GLY B 73 20.30 20.93 0.97
N TYR B 74 20.31 20.42 -0.25
CA TYR B 74 20.52 21.28 -1.42
C TYR B 74 19.82 20.71 -2.63
N ALA B 75 19.55 21.56 -3.62
CA ALA B 75 18.82 21.13 -4.80
C ALA B 75 19.66 21.28 -6.07
N SER B 76 19.55 20.31 -6.96
CA SER B 76 20.21 20.39 -8.26
C SER B 76 19.39 19.65 -9.30
N VAL B 77 19.79 19.74 -10.57
CA VAL B 77 19.10 19.01 -11.62
C VAL B 77 19.84 17.72 -11.93
N PHE B 78 19.11 16.61 -12.00
CA PHE B 78 19.68 15.34 -12.41
C PHE B 78 18.79 14.70 -13.46
N LYS B 79 19.38 14.44 -14.63
CA LYS B 79 18.67 13.87 -15.78
C LYS B 79 17.34 14.57 -16.03
N GLY B 80 17.36 15.90 -15.97
CA GLY B 80 16.18 16.70 -16.23
C GLY B 80 15.36 17.06 -15.00
N CYS B 81 15.39 16.20 -13.99
CA CYS B 81 14.52 16.39 -12.83
C CYS B 81 15.15 17.20 -11.70
N LEU B 82 14.40 18.16 -11.18
CA LEU B 82 14.79 18.84 -9.95
C LEU B 82 14.87 17.82 -8.82
N THR B 83 15.94 17.89 -8.05
CA THR B 83 16.24 16.85 -7.08
C THR B 83 16.84 17.41 -5.79
N LEU B 84 16.31 16.92 -4.68
CA LEU B 84 16.85 17.23 -3.35
C LEU B 84 17.96 16.27 -2.97
N TYR B 85 18.89 16.76 -2.16
CA TYR B 85 19.99 15.97 -1.65
C TYR B 85 20.30 16.36 -0.22
N THR B 86 20.71 15.39 0.58
CA THR B 86 21.18 15.66 1.93
C THR B 86 22.59 16.24 1.87
N GLY B 87 22.83 17.32 2.60
CA GLY B 87 24.16 17.86 2.71
C GLY B 87 24.98 16.98 3.63
N ARG B 88 26.27 16.82 3.32
CA ARG B 88 27.13 15.93 4.10
C ARG B 88 27.23 16.39 5.56
N GLY B 89 27.08 17.70 5.77
CA GLY B 89 27.05 18.24 7.12
C GLY B 89 25.62 18.41 7.60
N GLY B 90 24.68 17.76 6.91
CA GLY B 90 23.28 17.85 7.24
C GLY B 90 22.69 16.55 7.76
N ASP B 91 21.38 16.38 7.59
CA ASP B 91 20.69 15.22 8.12
C ASP B 91 19.27 15.04 7.56
N LEU B 92 18.78 13.81 7.60
CA LEU B 92 17.38 13.51 7.40
C LEU B 92 16.82 12.93 8.70
N GLN B 93 15.75 13.51 9.21
CA GLN B 93 15.18 13.06 10.47
C GLN B 93 13.72 12.68 10.34
N LYS B 94 13.41 11.42 10.65
CA LYS B 94 12.03 10.97 10.66
C LYS B 94 11.33 11.46 11.91
N ILE B 95 10.27 12.25 11.73
CA ILE B 95 9.51 12.75 12.85
C ILE B 95 8.08 12.22 12.81
N GLY B 96 7.77 11.46 11.76
CA GLY B 96 6.45 10.86 11.65
C GLY B 96 6.39 9.60 10.81
N GLU B 97 5.38 8.79 11.07
CA GLU B 97 5.07 7.64 10.23
C GLU B 97 3.63 7.18 10.47
N PHE B 98 3.08 6.46 9.50
CA PHE B 98 1.75 5.89 9.65
C PHE B 98 1.86 4.38 9.76
N CYS B 99 1.17 3.81 10.75
CA CYS B 99 1.27 2.39 11.03
C CYS B 99 -0.08 1.68 10.90
N MET B 100 -0.01 0.36 10.76
CA MET B 100 -1.21 -0.47 10.66
C MET B 100 -1.52 -1.12 12.00
N VAL B 101 -2.78 -1.03 12.41
CA VAL B 101 -3.22 -1.62 13.67
C VAL B 101 -4.42 -2.52 13.43
N TYR B 102 -4.33 -3.76 13.92
CA TYR B 102 -5.43 -4.70 13.74
C TYR B 102 -6.60 -4.34 14.64
N SER B 103 -7.80 -4.47 14.12
CA SER B 103 -9.02 -4.27 14.89
C SER B 103 -10.05 -5.34 14.54
N GLU B 104 -10.65 -5.93 15.56
CA GLU B 104 -11.74 -6.87 15.33
C GLU B 104 -12.97 -6.11 14.85
N VAL B 105 -13.80 -6.79 14.06
CA VAL B 105 -15.02 -6.18 13.53
C VAL B 105 -16.22 -7.05 13.87
N PRO B 106 -17.28 -6.43 14.42
CA PRO B 106 -18.46 -7.20 14.84
C PRO B 106 -19.29 -7.73 13.67
N ASN B 107 -18.74 -8.70 12.93
CA ASN B 107 -19.45 -9.39 11.85
C ASN B 107 -20.28 -8.49 10.93
N PHE B 108 -19.65 -7.43 10.41
CA PHE B 108 -20.30 -6.54 9.46
C PHE B 108 -20.55 -7.26 8.14
N SER B 109 -21.82 -7.32 7.72
CA SER B 109 -22.19 -8.08 6.53
C SER B 109 -22.15 -7.25 5.25
N HIS B 110 -21.44 -7.77 4.25
CA HIS B 110 -21.51 -7.22 2.91
C HIS B 110 -22.66 -7.90 2.17
N HIS B 111 -23.61 -7.11 1.68
CA HIS B 111 -24.79 -7.68 1.04
C HIS B 111 -25.43 -6.71 0.06
#